data_8V6W
#
_entry.id   8V6W
#
_cell.length_a   77.656
_cell.length_b   77.656
_cell.length_c   84.831
_cell.angle_alpha   90.00
_cell.angle_beta   90.00
_cell.angle_gamma   90.00
#
_symmetry.space_group_name_H-M   'P 42 21 2'
#
loop_
_entity.id
_entity.type
_entity.pdbx_description
1 polymer 'Inositol polyphosphate multikinase'
2 non-polymer '(2E)-3-[3-(3,5-dimethylphenyl)-2,1-benzoxazol-5-yl]prop-2-enoic acid'
3 water water
#
_entity_poly.entity_id   1
_entity_poly.type   'polypeptide(L)'
_entity_poly.pdbx_seq_one_letter_code
;GSFTSHQVAGHMYGKDKVGILQHPDGTVLKQLQPPPRGPRELEFYNMVYAADCFDGVLLELRKYLPKYYGIWSPPTAPND
LYLKLEDVTHKFNKPCIMDVKIGQKSYDPFASSEKIQQQVSKYPLMEEIGFLVLGMRVYHVHSDSYETENQHYGRSLTKE
TIKDGVSRFFHNGYCLRKDAVAASIQKIEKILQWFENQKQLNFYASSLLFVYEGSSQGGSGGEVEVRMIDFAHVFPSNTI
DEGYVYGLKHLISVLRSILDN
;
_entity_poly.pdbx_strand_id   A
#
# COMPACT_ATOMS: atom_id res chain seq x y z
N ILE A 20 9.04 4.89 -9.01
CA ILE A 20 8.81 6.01 -8.06
C ILE A 20 10.02 6.93 -8.08
N LEU A 21 9.81 8.15 -8.62
CA LEU A 21 10.82 9.19 -8.61
C LEU A 21 10.55 10.13 -7.44
N GLN A 22 11.52 10.24 -6.54
CA GLN A 22 11.40 11.11 -5.39
C GLN A 22 11.92 12.50 -5.78
N HIS A 23 11.05 13.52 -5.67
CA HIS A 23 11.40 14.88 -6.06
C HIS A 23 11.58 15.72 -4.79
N PRO A 24 12.66 16.54 -4.67
CA PRO A 24 12.88 17.36 -3.48
C PRO A 24 11.71 18.21 -2.97
N ASP A 25 10.70 18.45 -3.82
CA ASP A 25 9.60 19.34 -3.49
C ASP A 25 8.57 18.67 -2.58
N GLY A 26 8.79 17.40 -2.21
CA GLY A 26 7.88 16.69 -1.31
C GLY A 26 6.92 15.77 -2.07
N THR A 27 7.21 15.54 -3.36
CA THR A 27 6.36 14.68 -4.15
C THR A 27 7.16 13.51 -4.69
N VAL A 28 6.43 12.46 -5.07
CA VAL A 28 6.94 11.42 -5.93
C VAL A 28 6.26 11.57 -7.30
N LEU A 29 7.00 11.24 -8.35
CA LEU A 29 6.41 11.05 -9.67
C LEU A 29 6.32 9.54 -9.92
N LYS A 30 5.10 9.07 -10.16
CA LYS A 30 4.92 7.68 -10.53
C LYS A 30 4.56 7.60 -12.01
N GLN A 31 5.41 6.90 -12.77
CA GLN A 31 5.21 6.75 -14.19
C GLN A 31 4.00 5.85 -14.45
N LEU A 32 3.09 6.28 -15.33
CA LEU A 32 2.00 5.42 -15.74
C LEU A 32 2.59 4.11 -16.26
N GLN A 33 2.14 2.99 -15.68
CA GLN A 33 2.40 1.67 -16.22
C GLN A 33 1.83 1.54 -17.62
N PRO A 34 2.25 0.53 -18.41
CA PRO A 34 1.71 0.31 -19.75
C PRO A 34 0.20 0.06 -19.71
N PRO A 35 -0.52 0.35 -20.82
CA PRO A 35 -1.96 0.12 -20.86
C PRO A 35 -2.28 -1.36 -20.71
N PRO A 36 -3.42 -1.74 -20.08
CA PRO A 36 -4.40 -0.77 -19.55
C PRO A 36 -4.17 -0.28 -18.12
N ARG A 37 -3.09 -0.73 -17.48
CA ARG A 37 -2.88 -0.48 -16.06
C ARG A 37 -2.65 1.01 -15.77
N GLY A 38 -1.68 1.64 -16.45
CA GLY A 38 -1.37 3.04 -16.21
C GLY A 38 -2.58 3.94 -16.39
N PRO A 39 -3.28 3.85 -17.55
CA PRO A 39 -4.50 4.62 -17.80
C PRO A 39 -5.59 4.46 -16.75
N ARG A 40 -5.74 3.24 -16.24
CA ARG A 40 -6.74 2.95 -15.22
C ARG A 40 -6.38 3.64 -13.90
N GLU A 41 -5.09 3.67 -13.58
CA GLU A 41 -4.64 4.31 -12.36
C GLU A 41 -4.81 5.83 -12.46
N LEU A 42 -4.47 6.42 -13.61
CA LEU A 42 -4.73 7.82 -13.86
C LEU A 42 -6.22 8.11 -13.64
N GLU A 43 -7.11 7.32 -14.24
CA GLU A 43 -8.54 7.59 -14.16
C GLU A 43 -9.05 7.40 -12.73
N PHE A 44 -8.44 6.49 -11.97
CA PHE A 44 -8.79 6.33 -10.58
C PHE A 44 -8.52 7.62 -9.81
N TYR A 45 -7.29 8.14 -9.92
CA TYR A 45 -6.93 9.36 -9.22
C TYR A 45 -7.81 10.51 -9.67
N ASN A 46 -8.13 10.54 -10.98
CA ASN A 46 -8.92 11.62 -11.54
C ASN A 46 -10.33 11.60 -10.96
N MET A 47 -10.92 10.40 -10.83
CA MET A 47 -12.25 10.26 -10.28
C MET A 47 -12.26 10.68 -8.82
N VAL A 48 -11.31 10.18 -8.04
CA VAL A 48 -11.31 10.41 -6.60
C VAL A 48 -11.09 11.90 -6.30
N TYR A 49 -10.19 12.53 -7.06
CA TYR A 49 -9.78 13.90 -6.81
C TYR A 49 -10.47 14.88 -7.76
N ALA A 50 -11.53 14.41 -8.43
CA ALA A 50 -12.40 15.26 -9.20
C ALA A 50 -12.83 16.46 -8.37
N ALA A 51 -12.49 17.66 -8.85
CA ALA A 51 -12.73 18.89 -8.11
C ALA A 51 -14.24 19.08 -7.84
N ASP A 52 -15.09 18.42 -8.64
CA ASP A 52 -16.53 18.54 -8.53
C ASP A 52 -17.15 17.34 -7.81
N CYS A 53 -16.31 16.50 -7.19
CA CYS A 53 -16.79 15.33 -6.47
C CYS A 53 -17.49 15.74 -5.18
N PHE A 54 -18.75 15.30 -5.02
CA PHE A 54 -19.47 15.44 -3.77
C PHE A 54 -19.85 14.07 -3.22
N ASP A 55 -19.21 13.01 -3.71
CA ASP A 55 -19.48 11.67 -3.21
C ASP A 55 -18.72 11.49 -1.90
N GLY A 56 -19.48 11.35 -0.79
CA GLY A 56 -18.93 11.23 0.55
C GLY A 56 -17.92 10.10 0.67
N VAL A 57 -18.18 8.99 -0.03
CA VAL A 57 -17.29 7.84 0.00
C VAL A 57 -15.93 8.23 -0.59
N LEU A 58 -15.94 8.96 -1.70
CA LEU A 58 -14.70 9.31 -2.38
C LEU A 58 -14.01 10.45 -1.63
N LEU A 59 -14.79 11.36 -1.03
CA LEU A 59 -14.19 12.45 -0.27
C LEU A 59 -13.46 11.89 0.95
N GLU A 60 -14.05 10.90 1.62
CA GLU A 60 -13.39 10.24 2.73
C GLU A 60 -12.14 9.48 2.26
N LEU A 61 -12.24 8.80 1.11
CA LEU A 61 -11.14 7.97 0.64
C LEU A 61 -9.88 8.81 0.44
N ARG A 62 -10.05 10.11 0.09
CA ARG A 62 -8.92 10.98 -0.18
C ARG A 62 -7.94 11.05 1.00
N LYS A 63 -8.50 10.94 2.22
CA LYS A 63 -7.71 10.99 3.44
C LYS A 63 -6.62 9.91 3.44
N TYR A 64 -6.90 8.77 2.79
CA TYR A 64 -6.05 7.60 2.92
C TYR A 64 -5.17 7.40 1.70
N LEU A 65 -5.30 8.25 0.67
CA LEU A 65 -4.44 8.19 -0.49
C LEU A 65 -3.35 9.24 -0.36
N PRO A 66 -2.26 9.15 -1.17
CA PRO A 66 -1.36 10.29 -1.34
C PRO A 66 -2.18 11.41 -1.96
N LYS A 67 -1.87 12.66 -1.61
CA LYS A 67 -2.45 13.79 -2.31
C LYS A 67 -2.04 13.67 -3.77
N TYR A 68 -2.96 14.04 -4.65
CA TYR A 68 -2.79 13.97 -6.08
C TYR A 68 -2.69 15.37 -6.66
N TYR A 69 -1.67 15.60 -7.50
CA TYR A 69 -1.41 16.91 -8.08
C TYR A 69 -1.62 16.84 -9.59
N GLY A 70 -2.38 15.84 -10.03
CA GLY A 70 -2.77 15.73 -11.42
C GLY A 70 -1.70 15.05 -12.26
N ILE A 71 -2.08 14.74 -13.50
CA ILE A 71 -1.17 14.16 -14.47
C ILE A 71 -0.04 15.16 -14.70
N TRP A 72 1.18 14.63 -14.81
CA TRP A 72 2.33 15.48 -15.09
C TRP A 72 3.16 14.85 -16.20
N SER A 73 3.59 15.67 -17.17
CA SER A 73 4.53 15.22 -18.18
C SER A 73 5.68 16.23 -18.28
N PRO A 74 6.90 15.79 -18.69
CA PRO A 74 8.00 16.73 -18.92
C PRO A 74 7.61 17.80 -19.93
N PRO A 75 8.03 19.07 -19.72
CA PRO A 75 7.79 20.16 -20.67
C PRO A 75 8.04 19.81 -22.15
N THR A 76 9.07 19.01 -22.42
CA THR A 76 9.47 18.68 -23.79
C THR A 76 9.08 17.24 -24.17
N ALA A 77 8.22 16.60 -23.38
CA ALA A 77 7.88 15.20 -23.61
C ALA A 77 6.45 14.92 -23.13
N PRO A 78 5.41 15.44 -23.82
CA PRO A 78 4.02 15.21 -23.44
C PRO A 78 3.56 13.76 -23.62
N ASN A 79 4.35 12.99 -24.38
CA ASN A 79 4.23 11.55 -24.49
C ASN A 79 4.38 10.86 -23.13
N ASP A 80 5.21 11.43 -22.24
CA ASP A 80 5.73 10.70 -21.09
C ASP A 80 4.91 11.04 -19.85
N LEU A 81 4.00 10.12 -19.48
CA LEU A 81 2.94 10.41 -18.52
C LEU A 81 3.31 9.94 -17.11
N TYR A 82 3.22 10.86 -16.13
CA TYR A 82 3.38 10.50 -14.73
C TYR A 82 2.18 10.96 -13.91
N LEU A 83 2.05 10.35 -12.73
CA LEU A 83 1.25 10.90 -11.66
C LEU A 83 2.19 11.64 -10.72
N LYS A 84 1.85 12.89 -10.43
CA LYS A 84 2.52 13.64 -9.39
C LYS A 84 1.74 13.37 -8.12
N LEU A 85 2.39 12.69 -7.16
CA LEU A 85 1.79 12.31 -5.91
C LEU A 85 2.60 12.84 -4.74
N GLU A 86 1.91 13.06 -3.63
CA GLU A 86 2.52 13.33 -2.34
C GLU A 86 3.53 12.24 -1.99
N ASP A 87 4.71 12.67 -1.53
CA ASP A 87 5.68 11.75 -0.95
C ASP A 87 5.31 11.61 0.52
N VAL A 88 4.76 10.44 0.87
CA VAL A 88 4.23 10.19 2.20
C VAL A 88 5.37 10.08 3.21
N THR A 89 6.62 10.00 2.73
CA THR A 89 7.77 9.78 3.59
C THR A 89 8.48 11.09 3.91
N HIS A 90 8.04 12.19 3.27
CA HIS A 90 8.79 13.44 3.23
C HIS A 90 8.98 14.02 4.64
N LYS A 91 7.96 13.92 5.50
CA LYS A 91 8.02 14.57 6.80
C LYS A 91 8.83 13.74 7.81
N PHE A 92 9.41 12.62 7.35
CA PHE A 92 10.22 11.79 8.24
C PHE A 92 11.71 12.10 8.07
N ASN A 93 12.44 11.90 9.17
CA ASN A 93 13.88 12.06 9.19
C ASN A 93 14.51 10.79 8.63
N LYS A 94 14.27 9.66 9.29
CA LYS A 94 14.76 8.37 8.85
C LYS A 94 13.56 7.47 8.61
N PRO A 95 12.79 7.65 7.51
CA PRO A 95 11.57 6.86 7.32
C PRO A 95 11.89 5.37 7.16
N CYS A 96 11.15 4.57 7.91
CA CYS A 96 11.07 3.13 7.73
C CYS A 96 9.82 2.85 6.92
N ILE A 97 9.96 2.09 5.84
CA ILE A 97 8.96 2.01 4.80
C ILE A 97 8.65 0.54 4.52
N MET A 98 7.37 0.22 4.51
CA MET A 98 6.95 -1.12 4.12
C MET A 98 5.74 -1.01 3.20
N ASP A 99 5.80 -1.74 2.09
CA ASP A 99 4.74 -1.81 1.10
C ASP A 99 4.09 -3.20 1.21
N VAL A 100 2.79 -3.22 1.51
CA VAL A 100 2.06 -4.47 1.67
C VAL A 100 0.90 -4.50 0.69
N LYS A 101 0.94 -5.47 -0.23
CA LYS A 101 -0.16 -5.72 -1.14
C LYS A 101 -1.29 -6.38 -0.35
N ILE A 102 -2.51 -5.89 -0.52
CA ILE A 102 -3.68 -6.34 0.22
C ILE A 102 -4.65 -7.07 -0.72
N GLY A 103 -5.20 -8.18 -0.22
CA GLY A 103 -6.29 -8.84 -0.90
C GLY A 103 -6.03 -10.34 -0.99
N GLN A 104 -7.08 -11.10 -1.35
CA GLN A 104 -6.95 -12.53 -1.55
C GLN A 104 -6.53 -12.82 -2.99
N LYS A 105 -6.89 -11.91 -3.89
CA LYS A 105 -6.62 -12.03 -5.30
C LYS A 105 -5.86 -10.79 -5.75
N SER A 106 -4.73 -10.98 -6.45
CA SER A 106 -4.01 -9.85 -7.06
C SER A 106 -4.25 -9.85 -8.57
N TYR A 107 -5.15 -10.70 -9.02
CA TYR A 107 -5.66 -10.60 -10.38
C TYR A 107 -7.02 -9.94 -10.30
N ASP A 108 -7.43 -9.26 -11.38
CA ASP A 108 -8.65 -8.48 -11.37
C ASP A 108 -9.75 -9.28 -12.08
N PRO A 109 -11.01 -8.78 -12.07
CA PRO A 109 -12.14 -9.54 -12.59
C PRO A 109 -12.12 -9.84 -14.09
N PHE A 110 -11.13 -9.30 -14.81
CA PHE A 110 -11.05 -9.44 -16.25
C PHE A 110 -9.76 -10.14 -16.66
N ALA A 111 -9.11 -10.81 -15.70
CA ALA A 111 -7.89 -11.55 -16.00
C ALA A 111 -8.23 -12.80 -16.79
N SER A 112 -7.38 -13.14 -17.77
CA SER A 112 -7.42 -14.42 -18.47
C SER A 112 -7.00 -15.54 -17.53
N SER A 113 -7.20 -16.80 -17.95
CA SER A 113 -6.81 -17.94 -17.13
C SER A 113 -5.31 -17.92 -16.86
N GLU A 114 -4.55 -17.50 -17.88
CA GLU A 114 -3.09 -17.45 -17.81
C GLU A 114 -2.67 -16.32 -16.87
N LYS A 115 -3.34 -15.17 -16.98
CA LYS A 115 -3.04 -14.02 -16.13
C LYS A 115 -3.30 -14.39 -14.67
N ILE A 116 -4.41 -15.10 -14.41
CA ILE A 116 -4.74 -15.54 -13.06
C ILE A 116 -3.62 -16.43 -12.53
N GLN A 117 -3.12 -17.37 -13.35
CA GLN A 117 -2.05 -18.25 -12.90
C GLN A 117 -0.78 -17.47 -12.63
N GLN A 118 -0.38 -16.62 -13.62
CA GLN A 118 0.72 -15.70 -13.42
C GLN A 118 0.61 -15.09 -12.02
N GLN A 119 -0.56 -14.52 -11.70
CA GLN A 119 -0.74 -13.76 -10.48
C GLN A 119 -0.71 -14.69 -9.26
N VAL A 120 -1.45 -15.81 -9.31
CA VAL A 120 -1.53 -16.71 -8.17
C VAL A 120 -0.16 -17.33 -7.91
N SER A 121 0.60 -17.63 -8.99
CA SER A 121 1.88 -18.31 -8.87
C SER A 121 2.95 -17.38 -8.29
N LYS A 122 2.79 -16.06 -8.48
CA LYS A 122 3.65 -15.07 -7.86
C LYS A 122 3.65 -15.28 -6.36
N TYR A 123 2.47 -15.58 -5.80
CA TYR A 123 2.35 -15.85 -4.38
C TYR A 123 1.09 -16.66 -4.12
N PRO A 124 1.18 -18.01 -4.13
CA PRO A 124 -0.01 -18.86 -4.01
C PRO A 124 -0.69 -18.85 -2.64
N LEU A 125 -0.10 -18.12 -1.69
CA LEU A 125 -0.65 -18.03 -0.34
C LEU A 125 -1.56 -16.80 -0.20
N MET A 126 -1.80 -16.09 -1.31
CA MET A 126 -2.50 -14.82 -1.26
C MET A 126 -3.92 -15.02 -0.71
N GLU A 127 -4.59 -16.06 -1.21
CA GLU A 127 -5.93 -16.39 -0.78
C GLU A 127 -5.94 -16.66 0.72
N GLU A 128 -4.93 -17.40 1.19
CA GLU A 128 -4.86 -17.85 2.59
C GLU A 128 -4.51 -16.70 3.52
N ILE A 129 -3.54 -15.87 3.13
CA ILE A 129 -3.01 -14.88 4.06
C ILE A 129 -3.72 -13.54 3.85
N GLY A 130 -3.96 -13.18 2.58
CA GLY A 130 -4.73 -11.98 2.26
C GLY A 130 -3.85 -10.73 2.17
N PHE A 131 -2.53 -10.92 2.26
CA PHE A 131 -1.61 -9.81 2.10
C PHE A 131 -0.23 -10.35 1.75
N LEU A 132 0.58 -9.48 1.15
CA LEU A 132 1.91 -9.85 0.71
C LEU A 132 2.83 -8.65 0.88
N VAL A 133 3.91 -8.82 1.65
CA VAL A 133 4.90 -7.78 1.79
C VAL A 133 5.67 -7.69 0.48
N LEU A 134 5.58 -6.52 -0.17
CA LEU A 134 6.28 -6.26 -1.41
C LEU A 134 7.72 -5.84 -1.13
N GLY A 135 7.96 -5.27 0.05
CA GLY A 135 9.31 -4.90 0.45
C GLY A 135 9.30 -4.08 1.74
N MET A 136 10.48 -3.90 2.32
CA MET A 136 10.60 -2.97 3.43
C MET A 136 12.00 -2.39 3.44
N ARG A 137 12.07 -1.18 4.01
CA ARG A 137 13.31 -0.47 4.25
C ARG A 137 13.29 -0.07 5.72
N VAL A 138 14.23 -0.60 6.50
CA VAL A 138 14.19 -0.45 7.94
C VAL A 138 15.50 0.19 8.41
N TYR A 139 15.36 1.35 9.07
CA TYR A 139 16.50 2.04 9.63
C TYR A 139 16.94 1.33 10.91
N HIS A 140 18.24 1.04 11.00
CA HIS A 140 18.83 0.49 12.21
C HIS A 140 19.61 1.58 12.92
N VAL A 141 19.23 1.85 14.18
CA VAL A 141 19.78 2.95 14.96
C VAL A 141 21.26 2.70 15.24
N HIS A 142 21.61 1.47 15.64
CA HIS A 142 22.95 1.15 16.10
C HIS A 142 23.98 1.24 14.99
N SER A 143 23.57 1.00 13.74
CA SER A 143 24.48 1.00 12.60
C SER A 143 24.37 2.30 11.80
N ASP A 144 23.33 3.09 12.08
CA ASP A 144 23.01 4.27 11.29
C ASP A 144 22.89 3.88 9.82
N SER A 145 22.07 2.86 9.55
CA SER A 145 21.97 2.29 8.22
C SER A 145 20.59 1.67 8.00
N TYR A 146 20.29 1.41 6.72
CA TYR A 146 19.06 0.77 6.33
C TYR A 146 19.32 -0.68 5.92
N GLU A 147 18.41 -1.58 6.31
CA GLU A 147 18.31 -2.89 5.70
C GLU A 147 17.04 -2.92 4.86
N THR A 148 17.16 -3.45 3.63
CA THR A 148 16.04 -3.50 2.71
C THR A 148 15.73 -4.96 2.43
N GLU A 149 14.43 -5.28 2.33
CA GLU A 149 13.96 -6.56 1.85
C GLU A 149 13.22 -6.33 0.53
N ASN A 150 13.40 -7.26 -0.43
CA ASN A 150 12.83 -7.12 -1.76
C ASN A 150 11.59 -8.02 -1.84
N GLN A 151 11.03 -8.14 -3.06
CA GLN A 151 9.79 -8.86 -3.31
C GLN A 151 9.92 -10.33 -2.87
N HIS A 152 11.13 -10.87 -2.97
CA HIS A 152 11.37 -12.29 -2.71
C HIS A 152 11.29 -12.57 -1.21
N TYR A 153 11.46 -11.55 -0.36
CA TYR A 153 11.29 -11.69 1.07
C TYR A 153 9.85 -12.08 1.38
N GLY A 154 8.90 -11.20 1.01
CA GLY A 154 7.51 -11.40 1.38
C GLY A 154 6.92 -12.66 0.75
N ARG A 155 7.35 -12.94 -0.48
CA ARG A 155 6.86 -14.10 -1.22
C ARG A 155 7.40 -15.40 -0.63
N SER A 156 8.42 -15.30 0.25
CA SER A 156 8.98 -16.43 0.96
C SER A 156 8.16 -16.77 2.22
N LEU A 157 7.32 -15.83 2.65
CA LEU A 157 6.67 -15.96 3.95
C LEU A 157 5.47 -16.88 3.82
N THR A 158 5.32 -17.72 4.85
CA THR A 158 4.26 -18.71 4.93
C THR A 158 3.42 -18.39 6.18
N LYS A 159 2.39 -19.20 6.43
CA LYS A 159 1.55 -19.02 7.59
C LYS A 159 2.44 -19.02 8.84
N GLU A 160 3.47 -19.89 8.80
CA GLU A 160 4.35 -20.14 9.94
C GLU A 160 5.28 -18.96 10.20
N THR A 161 5.58 -18.15 9.18
CA THR A 161 6.63 -17.15 9.30
C THR A 161 6.15 -15.72 9.04
N ILE A 162 4.84 -15.53 8.74
CA ILE A 162 4.34 -14.21 8.38
C ILE A 162 4.45 -13.26 9.58
N LYS A 163 4.16 -13.75 10.79
CA LYS A 163 4.21 -12.87 11.95
C LYS A 163 5.63 -12.31 12.14
N ASP A 164 6.64 -13.19 12.08
CA ASP A 164 8.03 -12.77 12.26
C ASP A 164 8.45 -11.94 11.06
N GLY A 165 7.93 -12.28 9.88
CA GLY A 165 8.25 -11.59 8.66
C GLY A 165 7.84 -10.11 8.71
N VAL A 166 6.65 -9.85 9.25
CA VAL A 166 6.16 -8.50 9.45
C VAL A 166 6.91 -7.81 10.57
N SER A 167 7.09 -8.51 11.70
CA SER A 167 7.83 -8.00 12.87
C SER A 167 9.13 -7.32 12.45
N ARG A 168 9.84 -7.92 11.48
CA ARG A 168 11.14 -7.41 11.06
C ARG A 168 11.07 -5.92 10.73
N PHE A 169 9.92 -5.44 10.22
CA PHE A 169 9.75 -4.04 9.83
C PHE A 169 9.88 -3.10 11.02
N PHE A 170 9.49 -3.57 12.21
CA PHE A 170 9.35 -2.74 13.40
C PHE A 170 10.52 -2.95 14.36
N HIS A 171 11.55 -3.69 13.92
CA HIS A 171 12.76 -3.90 14.70
C HIS A 171 13.85 -2.97 14.17
N ASN A 172 14.40 -2.14 15.06
CA ASN A 172 15.41 -1.17 14.69
C ASN A 172 16.80 -1.62 15.15
N GLY A 173 16.95 -2.95 15.33
CA GLY A 173 18.21 -3.54 15.74
C GLY A 173 18.55 -3.29 17.21
N TYR A 174 17.52 -3.04 18.03
CA TYR A 174 17.70 -2.86 19.47
C TYR A 174 16.38 -3.06 20.21
N CYS A 175 15.27 -2.52 19.68
CA CYS A 175 13.95 -2.76 20.25
C CYS A 175 12.92 -3.01 19.15
N LEU A 176 11.83 -3.68 19.53
CA LEU A 176 10.64 -3.76 18.71
C LEU A 176 9.78 -2.52 18.94
N ARG A 177 9.51 -1.76 17.86
CA ARG A 177 8.77 -0.52 17.91
C ARG A 177 7.26 -0.81 18.02
N LYS A 178 6.83 -1.19 19.22
CA LYS A 178 5.44 -1.52 19.47
C LYS A 178 4.55 -0.29 19.32
N ASP A 179 5.09 0.90 19.57
CA ASP A 179 4.36 2.15 19.33
C ASP A 179 3.92 2.24 17.87
N ALA A 180 4.85 1.96 16.96
CA ALA A 180 4.58 2.07 15.53
C ALA A 180 3.61 0.96 15.11
N VAL A 181 3.70 -0.22 15.74
CA VAL A 181 2.78 -1.32 15.48
C VAL A 181 1.36 -0.91 15.90
N ALA A 182 1.22 -0.40 17.14
CA ALA A 182 -0.08 0.05 17.62
C ALA A 182 -0.64 1.15 16.73
N ALA A 183 0.18 2.15 16.40
CA ALA A 183 -0.25 3.24 15.54
C ALA A 183 -0.74 2.70 14.20
N SER A 184 -0.05 1.68 13.66
CA SER A 184 -0.37 1.09 12.37
C SER A 184 -1.75 0.42 12.43
N ILE A 185 -2.02 -0.31 13.52
CA ILE A 185 -3.31 -0.94 13.69
C ILE A 185 -4.41 0.12 13.66
N GLN A 186 -4.18 1.22 14.41
CA GLN A 186 -5.17 2.28 14.56
C GLN A 186 -5.47 2.96 13.21
N LYS A 187 -4.44 3.20 12.40
CA LYS A 187 -4.64 3.80 11.09
C LYS A 187 -5.28 2.81 10.11
N ILE A 188 -4.87 1.53 10.14
CA ILE A 188 -5.48 0.53 9.27
C ILE A 188 -6.96 0.39 9.62
N GLU A 189 -7.28 0.47 10.91
CA GLU A 189 -8.67 0.34 11.34
C GLU A 189 -9.54 1.38 10.63
N LYS A 190 -9.03 2.61 10.42
CA LYS A 190 -9.80 3.67 9.80
C LYS A 190 -10.04 3.35 8.32
N ILE A 191 -9.03 2.77 7.68
CA ILE A 191 -9.16 2.32 6.30
C ILE A 191 -10.17 1.19 6.24
N LEU A 192 -10.06 0.24 7.18
CA LEU A 192 -10.98 -0.89 7.24
C LEU A 192 -12.41 -0.36 7.34
N GLN A 193 -12.61 0.64 8.20
CA GLN A 193 -13.93 1.23 8.38
C GLN A 193 -14.43 1.86 7.08
N TRP A 194 -13.53 2.47 6.32
CA TRP A 194 -13.91 3.01 5.04
C TRP A 194 -14.43 1.90 4.12
N PHE A 195 -13.71 0.76 4.09
CA PHE A 195 -14.09 -0.37 3.24
C PHE A 195 -15.42 -0.97 3.69
N GLU A 196 -15.73 -0.91 4.98
CA GLU A 196 -16.95 -1.53 5.47
C GLU A 196 -18.16 -0.63 5.24
N ASN A 197 -17.94 0.57 4.72
CA ASN A 197 -19.01 1.51 4.46
C ASN A 197 -19.01 1.95 3.00
N GLN A 198 -18.41 1.15 2.11
CA GLN A 198 -18.46 1.43 0.68
C GLN A 198 -18.68 0.13 -0.07
N LYS A 199 -19.53 0.20 -1.12
CA LYS A 199 -19.76 -0.92 -2.02
C LYS A 199 -19.75 -0.45 -3.48
N GLN A 200 -18.71 0.30 -3.86
CA GLN A 200 -18.67 0.90 -5.18
C GLN A 200 -17.31 0.70 -5.84
N LEU A 201 -16.30 0.26 -5.08
CA LEU A 201 -14.98 0.01 -5.64
C LEU A 201 -14.42 -1.27 -5.07
N ASN A 202 -13.79 -2.07 -5.95
CA ASN A 202 -13.04 -3.22 -5.48
C ASN A 202 -11.59 -3.02 -5.92
N PHE A 203 -10.66 -3.38 -5.04
CA PHE A 203 -9.25 -3.06 -5.23
C PHE A 203 -8.42 -4.34 -5.29
N TYR A 204 -7.77 -4.55 -6.45
CA TYR A 204 -6.92 -5.71 -6.65
C TYR A 204 -5.48 -5.25 -6.86
N ALA A 205 -4.54 -5.98 -6.29
CA ALA A 205 -3.11 -5.70 -6.39
C ALA A 205 -2.77 -4.29 -5.90
N SER A 206 -3.59 -3.73 -5.00
N SER A 206 -3.58 -3.78 -4.97
CA SER A 206 -3.27 -2.46 -4.38
CA SER A 206 -3.34 -2.49 -4.35
C SER A 206 -2.60 -2.71 -3.04
C SER A 206 -2.57 -2.73 -3.04
N SER A 207 -1.94 -1.66 -2.53
CA SER A 207 -1.05 -1.79 -1.38
C SER A 207 -1.38 -0.78 -0.29
N LEU A 208 -0.88 -1.11 0.91
CA LEU A 208 -0.75 -0.14 1.98
C LEU A 208 0.74 0.17 2.13
N LEU A 209 1.04 1.46 2.19
CA LEU A 209 2.38 1.96 2.46
C LEU A 209 2.39 2.41 3.90
N PHE A 210 3.26 1.76 4.67
CA PHE A 210 3.50 2.03 6.07
C PHE A 210 4.80 2.81 6.18
N VAL A 211 4.74 3.90 6.96
CA VAL A 211 5.92 4.69 7.23
C VAL A 211 5.88 5.01 8.72
N TYR A 212 7.03 4.80 9.38
CA TYR A 212 7.22 5.30 10.73
C TYR A 212 8.61 5.90 10.82
N GLU A 213 8.82 6.65 11.90
CA GLU A 213 10.07 7.37 12.12
C GLU A 213 11.11 6.43 12.76
N GLY A 214 12.22 6.24 12.04
CA GLY A 214 13.28 5.37 12.52
C GLY A 214 14.28 6.07 13.46
N SER A 215 14.42 7.40 13.37
CA SER A 215 15.49 8.07 14.10
C SER A 215 15.22 8.02 15.61
N GLY A 221 9.11 10.93 18.42
CA GLY A 221 9.12 10.32 17.08
C GLY A 221 8.00 9.28 16.93
N GLY A 222 6.75 9.71 17.13
CA GLY A 222 5.60 8.82 17.07
C GLY A 222 4.84 8.87 15.74
N GLU A 223 5.35 9.68 14.79
CA GLU A 223 4.68 9.90 13.52
C GLU A 223 4.56 8.55 12.79
N VAL A 224 3.37 8.25 12.28
CA VAL A 224 3.19 7.06 11.47
C VAL A 224 2.23 7.39 10.33
N GLU A 225 2.54 6.86 9.15
CA GLU A 225 1.66 7.00 7.99
C GLU A 225 1.29 5.62 7.49
N VAL A 226 0.02 5.47 7.18
CA VAL A 226 -0.48 4.28 6.53
C VAL A 226 -1.39 4.81 5.41
N ARG A 227 -0.95 4.62 4.17
CA ARG A 227 -1.69 5.09 3.03
C ARG A 227 -1.90 4.01 1.95
N MET A 228 -3.02 4.10 1.26
CA MET A 228 -3.32 3.22 0.16
C MET A 228 -2.63 3.73 -1.12
N ILE A 229 -2.08 2.82 -1.90
CA ILE A 229 -1.38 3.13 -3.13
C ILE A 229 -1.62 2.02 -4.15
N ASP A 230 -1.29 2.31 -5.42
CA ASP A 230 -1.26 1.32 -6.48
C ASP A 230 -2.67 0.94 -6.92
N PHE A 231 -3.21 1.73 -7.86
CA PHE A 231 -4.60 1.60 -8.25
C PHE A 231 -4.76 1.26 -9.72
N ALA A 232 -3.82 0.50 -10.30
CA ALA A 232 -3.96 0.02 -11.68
C ALA A 232 -5.07 -1.03 -11.81
N HIS A 233 -5.60 -1.56 -10.68
CA HIS A 233 -6.61 -2.61 -10.75
C HIS A 233 -7.75 -2.36 -9.75
N VAL A 234 -8.26 -1.14 -9.77
CA VAL A 234 -9.45 -0.80 -9.02
C VAL A 234 -10.62 -0.76 -9.99
N PHE A 235 -11.71 -1.45 -9.65
CA PHE A 235 -12.84 -1.55 -10.55
C PHE A 235 -14.11 -1.12 -9.84
N PRO A 236 -15.12 -0.62 -10.58
CA PRO A 236 -16.46 -0.45 -10.02
C PRO A 236 -17.01 -1.80 -9.54
N SER A 237 -17.83 -1.76 -8.47
CA SER A 237 -18.39 -2.95 -7.88
C SER A 237 -19.77 -2.63 -7.33
N ASN A 238 -20.51 -3.67 -6.94
CA ASN A 238 -21.78 -3.55 -6.22
C ASN A 238 -21.73 -4.33 -4.92
N THR A 239 -20.54 -4.84 -4.55
CA THR A 239 -20.36 -5.64 -3.36
C THR A 239 -19.27 -5.00 -2.50
N ILE A 240 -19.24 -5.42 -1.23
CA ILE A 240 -18.11 -5.21 -0.33
C ILE A 240 -16.87 -5.82 -0.98
N ASP A 241 -15.72 -5.18 -0.80
CA ASP A 241 -14.45 -5.75 -1.23
C ASP A 241 -13.98 -6.73 -0.16
N GLU A 242 -14.44 -7.98 -0.26
CA GLU A 242 -14.31 -8.96 0.81
C GLU A 242 -12.86 -9.44 0.93
N GLY A 243 -12.18 -9.53 -0.20
CA GLY A 243 -10.77 -9.93 -0.23
C GLY A 243 -9.89 -8.88 0.45
N TYR A 244 -10.20 -7.61 0.22
CA TYR A 244 -9.42 -6.54 0.79
C TYR A 244 -9.64 -6.52 2.31
N VAL A 245 -10.91 -6.65 2.71
CA VAL A 245 -11.28 -6.64 4.11
C VAL A 245 -10.59 -7.80 4.82
N TYR A 246 -10.65 -9.00 4.24
CA TYR A 246 -10.00 -10.18 4.79
C TYR A 246 -8.52 -9.89 5.06
N GLY A 247 -7.85 -9.30 4.07
CA GLY A 247 -6.45 -8.96 4.17
C GLY A 247 -6.18 -7.94 5.27
N LEU A 248 -7.00 -6.88 5.34
CA LEU A 248 -6.86 -5.86 6.36
C LEU A 248 -7.02 -6.50 7.74
N LYS A 249 -8.06 -7.31 7.91
CA LYS A 249 -8.35 -7.96 9.19
C LYS A 249 -7.24 -8.93 9.58
N HIS A 250 -6.74 -9.71 8.62
CA HIS A 250 -5.64 -10.61 8.91
C HIS A 250 -4.37 -9.81 9.24
N LEU A 251 -4.05 -8.78 8.46
CA LEU A 251 -2.90 -7.93 8.76
C LEU A 251 -3.02 -7.31 10.16
N ILE A 252 -4.19 -6.79 10.51
CA ILE A 252 -4.41 -6.24 11.84
C ILE A 252 -4.15 -7.31 12.91
N SER A 253 -4.68 -8.53 12.69
CA SER A 253 -4.53 -9.61 13.65
C SER A 253 -3.06 -9.95 13.89
N VAL A 254 -2.29 -9.98 12.80
CA VAL A 254 -0.86 -10.22 12.87
C VAL A 254 -0.20 -9.11 13.68
N LEU A 255 -0.48 -7.85 13.32
CA LEU A 255 0.10 -6.72 14.03
C LEU A 255 -0.27 -6.79 15.51
N ARG A 256 -1.51 -7.19 15.78
CA ARG A 256 -1.99 -7.31 17.15
C ARG A 256 -1.19 -8.38 17.88
N SER A 257 -0.92 -9.52 17.23
CA SER A 257 -0.17 -10.58 17.89
C SER A 257 1.25 -10.09 18.21
N ILE A 258 1.82 -9.23 17.35
CA ILE A 258 3.16 -8.69 17.56
C ILE A 258 3.21 -7.81 18.81
N LEU A 259 2.09 -7.16 19.16
CA LEU A 259 2.06 -6.34 20.37
C LEU A 259 2.23 -7.20 21.62
N ASP A 260 2.10 -8.53 21.48
CA ASP A 260 2.25 -9.43 22.62
C ASP A 260 3.66 -10.01 22.69
N ASN A 261 4.58 -9.60 21.81
CA ASN A 261 5.94 -10.13 21.80
C ASN A 261 6.64 -9.81 23.13
#